data_5EC8
#
_entry.id   5EC8
#
_cell.length_a   61.160
_cell.length_b   186.500
_cell.length_c   51.610
_cell.angle_alpha   90.00
_cell.angle_beta   90.00
_cell.angle_gamma   90.00
#
_symmetry.space_group_name_H-M   'P 21 21 2'
#
loop_
_entity.id
_entity.type
_entity.pdbx_description
1 polymer 'Genome polyprotein'
2 non-polymer S-ADENOSYLMETHIONINE
3 non-polymer '2-[(2-azanyl-4-chloranyl-phenyl)carbamoylamino]-4-methyl-benzoic acid'
4 water water
#
_entity_poly.entity_id   1
_entity_poly.type   'polypeptide(L)'
_entity_poly.pdbx_seq_one_letter_code
;GTGSQGETLGEKWKKKLNQLSRKEFDLYKKSGITEVDRTEAKEGLKRGETTHHAVSRGSAKLQWFVERNMVIPEGRVIDL
GCGRGGWSYYCAGLKKVTEVRGYTKGGPGHEEPVPMSTYGWNIVKLMSGKDVFYLPPEKCDTLLCDIGESSPSPTVEESR
TIRVLKMVEPWLKNNQFCIKVLNPYMPTVIEHLERLQRKHGGMLVRNPLSRNSTHEMYWISNGTGNIVSSVNMVSRLLLN
RFTMTHRRPTIEKDVDLGAGTRHVNAEPETPNMDVI
;
_entity_poly.pdbx_strand_id   A,C
#
loop_
_chem_comp.id
_chem_comp.type
_chem_comp.name
_chem_comp.formula
5LP non-polymer '2-[(2-azanyl-4-chloranyl-phenyl)carbamoylamino]-4-methyl-benzoic acid' 'C15 H14 Cl N3 O3'
SAM non-polymer S-ADENOSYLMETHIONINE 'C15 H22 N6 O5 S'
#
# COMPACT_ATOMS: atom_id res chain seq x y z
N GLU A 7 29.66 9.41 -9.83
CA GLU A 7 29.36 8.75 -8.56
C GLU A 7 29.30 9.73 -7.39
N THR A 8 28.21 9.63 -6.60
CA THR A 8 27.95 10.50 -5.43
C THR A 8 28.96 10.29 -4.32
N LEU A 9 29.09 11.32 -3.43
CA LEU A 9 29.90 11.23 -2.22
C LEU A 9 29.39 10.01 -1.38
N GLY A 10 28.06 9.82 -1.33
CA GLY A 10 27.43 8.71 -0.60
C GLY A 10 27.86 7.33 -1.07
N GLU A 11 28.01 7.16 -2.39
CA GLU A 11 28.47 5.89 -2.97
C GLU A 11 29.93 5.58 -2.58
N LYS A 12 30.78 6.64 -2.48
CA LYS A 12 32.18 6.51 -2.08
C LYS A 12 32.23 6.09 -0.59
N TRP A 13 31.37 6.71 0.25
CA TRP A 13 31.25 6.34 1.69
C TRP A 13 30.83 4.87 1.77
N LYS A 14 29.83 4.46 1.01
CA LYS A 14 29.32 3.08 1.06
C LYS A 14 30.37 2.03 0.60
N LYS A 15 31.13 2.36 -0.43
CA LYS A 15 32.18 1.48 -0.95
C LYS A 15 33.25 1.31 0.15
N LYS A 16 33.62 2.41 0.84
CA LYS A 16 34.62 2.35 1.91
C LYS A 16 34.08 1.54 3.11
N LEU A 17 32.84 1.80 3.53
CA LEU A 17 32.19 1.08 4.65
C LEU A 17 32.23 -0.46 4.40
N ASN A 18 31.89 -0.86 3.15
CA ASN A 18 31.90 -2.27 2.70
C ASN A 18 33.30 -2.92 2.68
N GLN A 19 34.37 -2.11 2.70
CA GLN A 19 35.76 -2.64 2.69
C GLN A 19 36.30 -2.91 4.10
N LEU A 20 35.65 -2.34 5.14
CA LEU A 20 36.12 -2.47 6.53
C LEU A 20 36.02 -3.89 7.06
N SER A 21 37.00 -4.29 7.90
CA SER A 21 36.99 -5.56 8.62
C SER A 21 35.92 -5.42 9.72
N ARG A 22 35.49 -6.54 10.35
CA ARG A 22 34.51 -6.45 11.44
C ARG A 22 35.00 -5.51 12.56
N LYS A 23 36.27 -5.68 12.97
CA LYS A 23 36.90 -4.87 14.03
C LYS A 23 36.88 -3.35 13.70
N GLU A 24 37.28 -2.96 12.48
CA GLU A 24 37.30 -1.59 11.96
C GLU A 24 35.86 -1.07 11.89
N PHE A 25 34.92 -1.90 11.34
CA PHE A 25 33.51 -1.54 11.24
C PHE A 25 32.95 -1.23 12.62
N ASP A 26 33.27 -2.10 13.62
CA ASP A 26 32.81 -1.94 15.01
C ASP A 26 33.38 -0.67 15.67
N LEU A 27 34.63 -0.30 15.38
CA LEU A 27 35.21 0.94 15.89
C LEU A 27 34.61 2.18 15.15
N TYR A 28 34.40 2.10 13.83
CA TYR A 28 33.82 3.19 13.02
C TYR A 28 32.35 3.57 13.35
N LYS A 29 31.45 2.56 13.42
CA LYS A 29 30.00 2.76 13.53
C LYS A 29 29.55 3.76 14.61
N LYS A 30 30.28 3.83 15.76
CA LYS A 30 29.92 4.72 16.87
C LYS A 30 30.89 5.88 17.07
N SER A 31 31.90 6.04 16.19
CA SER A 31 32.90 7.09 16.32
C SER A 31 32.31 8.51 16.20
N GLY A 32 32.36 9.28 17.29
CA GLY A 32 31.87 10.65 17.35
C GLY A 32 30.36 10.82 17.33
N ILE A 33 29.58 9.73 17.45
CA ILE A 33 28.12 9.91 17.43
C ILE A 33 27.65 10.29 18.83
N THR A 34 26.35 10.50 18.96
CA THR A 34 25.77 10.71 20.26
C THR A 34 24.99 9.43 20.57
N GLU A 35 24.99 9.01 21.83
CA GLU A 35 24.18 7.87 22.24
C GLU A 35 23.66 8.03 23.65
N VAL A 36 22.47 7.51 23.88
CA VAL A 36 21.89 7.50 25.22
C VAL A 36 22.41 6.26 25.96
N ASP A 37 22.60 6.43 27.25
CA ASP A 37 23.06 5.37 28.12
C ASP A 37 21.81 4.51 28.44
N ARG A 38 21.73 3.32 27.84
CA ARG A 38 20.61 2.38 27.99
C ARG A 38 20.77 1.36 29.15
N THR A 39 21.86 1.45 29.95
CA THR A 39 22.13 0.53 31.07
C THR A 39 20.93 0.30 31.98
N GLU A 40 20.40 1.37 32.60
CA GLU A 40 19.25 1.29 33.52
C GLU A 40 18.01 0.68 32.84
N ALA A 41 17.68 1.11 31.60
CA ALA A 41 16.49 0.61 30.90
C ALA A 41 16.64 -0.88 30.57
N LYS A 42 17.83 -1.28 30.07
CA LYS A 42 18.09 -2.69 29.75
C LYS A 42 17.93 -3.60 30.97
N GLU A 43 18.45 -3.14 32.14
CA GLU A 43 18.32 -3.90 33.40
C GLU A 43 16.86 -4.01 33.83
N GLY A 44 16.15 -2.89 33.85
CA GLY A 44 14.74 -2.84 34.23
C GLY A 44 13.86 -3.72 33.36
N LEU A 45 14.02 -3.61 32.03
CA LEU A 45 13.28 -4.42 31.05
C LEU A 45 13.57 -5.92 31.21
N LYS A 46 14.82 -6.30 31.57
CA LYS A 46 15.19 -7.71 31.81
C LYS A 46 14.38 -8.26 33.00
N ARG A 47 14.12 -7.40 34.02
CA ARG A 47 13.36 -7.72 35.24
C ARG A 47 11.84 -7.65 35.01
N GLY A 48 11.45 -7.29 33.79
CA GLY A 48 10.04 -7.13 33.42
C GLY A 48 9.39 -5.88 34.01
N GLU A 49 10.17 -4.80 34.24
CA GLU A 49 9.62 -3.54 34.74
C GLU A 49 8.85 -2.89 33.58
N THR A 50 7.66 -2.30 33.88
CA THR A 50 6.79 -1.73 32.84
C THR A 50 6.60 -0.22 32.91
N THR A 51 7.22 0.44 33.87
CA THR A 51 7.10 1.89 34.03
C THR A 51 8.46 2.52 33.80
N HIS A 52 8.45 3.81 33.44
CA HIS A 52 9.62 4.67 33.25
C HIS A 52 10.47 4.37 32.04
N HIS A 53 10.83 3.11 31.81
CA HIS A 53 11.77 2.74 30.75
C HIS A 53 11.24 2.84 29.34
N ALA A 54 12.09 3.37 28.41
CA ALA A 54 11.82 3.34 26.99
C ALA A 54 12.19 1.92 26.53
N VAL A 55 11.34 1.33 25.67
CA VAL A 55 11.54 -0.06 25.18
C VAL A 55 12.72 -0.20 24.20
N SER A 56 13.20 0.93 23.67
CA SER A 56 14.30 0.93 22.70
C SER A 56 14.95 2.30 22.70
N ARG A 57 16.01 2.47 21.89
CA ARG A 57 16.71 3.76 21.70
C ARG A 57 15.84 4.73 20.87
N GLY A 58 14.80 4.20 20.23
CA GLY A 58 13.89 4.97 19.39
C GLY A 58 13.21 6.12 20.07
N SER A 59 12.82 5.95 21.36
CA SER A 59 12.14 7.01 22.12
C SER A 59 13.01 8.27 22.14
N ALA A 60 14.32 8.13 22.52
CA ALA A 60 15.29 9.24 22.56
C ALA A 60 15.54 9.80 21.14
N LYS A 61 15.56 8.93 20.13
CA LYS A 61 15.75 9.37 18.74
C LYS A 61 14.60 10.28 18.25
N LEU A 62 13.35 9.91 18.50
CA LEU A 62 12.22 10.78 18.10
C LEU A 62 12.17 12.04 18.98
N GLN A 63 12.46 11.90 20.29
CA GLN A 63 12.47 13.01 21.23
C GLN A 63 13.42 14.12 20.74
N TRP A 64 14.58 13.74 20.17
CA TRP A 64 15.53 14.72 19.67
C TRP A 64 14.84 15.68 18.66
N PHE A 65 14.06 15.13 17.69
CA PHE A 65 13.31 15.93 16.70
C PHE A 65 12.20 16.75 17.34
N VAL A 66 11.41 16.11 18.25
CA VAL A 66 10.26 16.77 18.86
C VAL A 66 10.67 17.99 19.70
N GLU A 67 11.73 17.84 20.50
CA GLU A 67 12.29 18.88 21.37
C GLU A 67 12.84 20.09 20.63
N ARG A 68 13.15 19.93 19.32
CA ARG A 68 13.63 20.98 18.41
C ARG A 68 12.50 21.49 17.49
N ASN A 69 11.26 21.06 17.77
CA ASN A 69 10.04 21.40 17.01
C ASN A 69 10.09 21.02 15.52
N MET A 70 10.87 19.97 15.16
CA MET A 70 10.96 19.50 13.77
C MET A 70 9.72 18.71 13.34
N VAL A 71 9.07 18.10 14.31
CA VAL A 71 7.81 17.37 14.20
C VAL A 71 7.13 17.62 15.53
N ILE A 72 5.86 17.99 15.47
CA ILE A 72 5.12 18.30 16.71
C ILE A 72 3.92 17.33 16.77
N PRO A 73 4.07 16.14 17.38
CA PRO A 73 2.94 15.17 17.39
C PRO A 73 1.69 15.70 18.09
N GLU A 74 0.54 15.41 17.45
CA GLU A 74 -0.77 15.89 17.90
C GLU A 74 -1.86 14.97 17.38
N GLY A 75 -3.03 15.02 18.05
CA GLY A 75 -4.21 14.26 17.69
C GLY A 75 -3.97 12.77 17.52
N ARG A 76 -4.43 12.22 16.40
CA ARG A 76 -4.28 10.79 16.08
C ARG A 76 -2.93 10.56 15.43
N VAL A 77 -2.03 9.85 16.14
CA VAL A 77 -0.69 9.52 15.67
C VAL A 77 -0.70 8.10 15.08
N ILE A 78 -0.19 7.96 13.85
CA ILE A 78 0.00 6.68 13.19
C ILE A 78 1.52 6.44 13.14
N ASP A 79 1.95 5.29 13.67
CA ASP A 79 3.38 4.91 13.71
C ASP A 79 3.62 3.65 12.85
N LEU A 80 4.19 3.86 11.63
CA LEU A 80 4.46 2.78 10.67
C LEU A 80 5.83 2.16 10.95
N GLY A 81 5.82 0.86 11.20
CA GLY A 81 7.01 0.09 11.55
C GLY A 81 7.37 0.41 13.00
N CYS A 82 6.41 0.23 13.90
CA CYS A 82 6.55 0.59 15.32
C CYS A 82 7.54 -0.30 16.10
N GLY A 83 7.85 -1.52 15.60
CA GLY A 83 8.76 -2.44 16.28
C GLY A 83 8.29 -2.68 17.70
N ARG A 84 9.20 -2.55 18.68
CA ARG A 84 8.90 -2.71 20.12
C ARG A 84 7.93 -1.64 20.61
N GLY A 85 7.95 -0.45 19.98
CA GLY A 85 7.04 0.66 20.31
C GLY A 85 7.66 1.95 20.83
N GLY A 86 8.97 2.13 20.65
CA GLY A 86 9.66 3.32 21.18
C GLY A 86 9.06 4.67 20.79
N TRP A 87 8.74 4.83 19.50
CA TRP A 87 8.12 6.09 19.04
C TRP A 87 6.71 6.28 19.59
N SER A 88 5.92 5.20 19.58
CA SER A 88 4.54 5.21 20.09
C SER A 88 4.42 5.53 21.57
N TYR A 89 5.21 4.87 22.44
CA TYR A 89 5.14 5.18 23.88
C TYR A 89 5.61 6.57 24.20
N TYR A 90 6.60 7.09 23.43
CA TYR A 90 7.04 8.45 23.62
C TYR A 90 5.89 9.43 23.27
N CYS A 91 5.24 9.27 22.08
CA CYS A 91 4.13 10.13 21.67
C CYS A 91 2.96 10.09 22.62
N ALA A 92 2.71 8.88 23.19
CA ALA A 92 1.60 8.66 24.13
C ALA A 92 1.60 9.61 25.34
N GLY A 93 2.78 10.11 25.72
CA GLY A 93 2.89 11.04 26.84
C GLY A 93 2.87 12.52 26.51
N LEU A 94 2.76 12.89 25.19
CA LEU A 94 2.77 14.28 24.73
C LEU A 94 1.42 14.96 24.89
N LYS A 95 1.41 16.21 25.35
CA LYS A 95 0.17 16.92 25.70
C LYS A 95 -0.86 17.03 24.58
N LYS A 96 -0.44 17.30 23.34
CA LYS A 96 -1.39 17.43 22.22
C LYS A 96 -1.86 16.10 21.61
N VAL A 97 -1.22 15.00 21.99
CA VAL A 97 -1.53 13.66 21.45
C VAL A 97 -2.77 13.06 22.12
N THR A 98 -3.70 12.53 21.32
CA THR A 98 -4.92 11.93 21.87
C THR A 98 -5.06 10.42 21.66
N GLU A 99 -4.38 9.86 20.63
CA GLU A 99 -4.48 8.46 20.27
C GLU A 99 -3.23 8.10 19.48
N VAL A 100 -2.69 6.89 19.74
CA VAL A 100 -1.51 6.38 19.03
C VAL A 100 -1.83 5.00 18.49
N ARG A 101 -1.62 4.80 17.19
CA ARG A 101 -1.82 3.50 16.54
C ARG A 101 -0.50 3.10 15.85
N GLY A 102 0.08 1.97 16.28
CA GLY A 102 1.32 1.45 15.73
C GLY A 102 1.09 0.17 14.96
N TYR A 103 1.76 0.04 13.81
CA TYR A 103 1.68 -1.14 12.95
C TYR A 103 3.09 -1.66 12.70
N THR A 104 3.30 -2.98 12.81
CA THR A 104 4.62 -3.56 12.55
C THR A 104 4.49 -4.96 12.00
N LYS A 105 5.50 -5.41 11.26
CA LYS A 105 5.44 -6.76 10.65
C LYS A 105 5.48 -7.88 11.68
N GLY A 106 6.44 -7.84 12.59
CA GLY A 106 6.66 -8.90 13.57
C GLY A 106 7.09 -10.18 12.86
N GLY A 107 7.00 -11.30 13.55
CA GLY A 107 7.44 -12.57 12.98
C GLY A 107 8.95 -12.74 12.94
N PRO A 108 9.39 -13.89 12.39
CA PRO A 108 10.84 -14.20 12.36
C PRO A 108 11.66 -13.07 11.79
N GLY A 109 12.72 -12.73 12.50
CA GLY A 109 13.65 -11.67 12.10
C GLY A 109 13.24 -10.23 12.42
N HIS A 110 12.01 -10.03 12.97
CA HIS A 110 11.48 -8.70 13.26
C HIS A 110 11.08 -8.58 14.74
N GLU A 111 11.14 -7.34 15.28
CA GLU A 111 10.74 -7.04 16.66
C GLU A 111 9.23 -7.12 16.83
N GLU A 112 8.80 -7.57 18.01
CA GLU A 112 7.38 -7.62 18.39
C GLU A 112 7.10 -6.47 19.35
N PRO A 113 5.89 -5.89 19.31
CA PRO A 113 5.55 -4.83 20.27
C PRO A 113 5.72 -5.30 21.72
N VAL A 114 6.22 -4.40 22.58
CA VAL A 114 6.42 -4.73 23.99
C VAL A 114 5.30 -4.05 24.79
N PRO A 115 4.49 -4.76 25.60
CA PRO A 115 3.47 -4.04 26.40
C PRO A 115 4.16 -3.28 27.55
N MET A 116 3.76 -2.02 27.75
CA MET A 116 4.30 -1.15 28.80
C MET A 116 3.22 -0.36 29.48
N SER A 117 3.54 0.13 30.68
CA SER A 117 2.67 0.92 31.54
C SER A 117 3.22 2.34 31.78
N THR A 118 3.97 2.86 30.79
CA THR A 118 4.52 4.22 30.81
C THR A 118 3.37 5.23 30.65
N TYR A 119 3.64 6.51 30.95
CA TYR A 119 2.61 7.55 30.90
C TYR A 119 1.89 7.60 29.56
N GLY A 120 0.58 7.44 29.64
CA GLY A 120 -0.31 7.45 28.50
C GLY A 120 -0.42 6.11 27.79
N TRP A 121 0.03 5.00 28.42
CA TRP A 121 -0.09 3.64 27.83
C TRP A 121 -1.53 3.34 27.34
N ASN A 122 -2.55 3.89 28.02
CA ASN A 122 -3.96 3.60 27.69
C ASN A 122 -4.48 4.19 26.35
N ILE A 123 -3.74 5.11 25.72
CA ILE A 123 -4.18 5.66 24.42
C ILE A 123 -3.41 5.01 23.24
N VAL A 124 -2.63 3.97 23.54
CA VAL A 124 -1.80 3.26 22.54
C VAL A 124 -2.42 1.90 22.16
N LYS A 125 -2.34 1.57 20.86
CA LYS A 125 -2.71 0.25 20.34
C LYS A 125 -1.63 -0.13 19.35
N LEU A 126 -0.83 -1.16 19.69
CA LEU A 126 0.23 -1.67 18.82
C LEU A 126 -0.25 -2.97 18.19
N MET A 127 -0.13 -3.07 16.86
CA MET A 127 -0.61 -4.27 16.14
C MET A 127 0.50 -4.87 15.31
N SER A 128 0.77 -6.15 15.55
CA SER A 128 1.81 -6.88 14.85
C SER A 128 1.19 -7.71 13.70
N GLY A 129 2.04 -8.37 12.89
CA GLY A 129 1.59 -9.17 11.74
C GLY A 129 1.02 -8.26 10.65
N LYS A 130 1.50 -6.99 10.62
CA LYS A 130 0.98 -6.01 9.67
C LYS A 130 2.07 -5.47 8.75
N ASP A 131 2.01 -5.84 7.46
CA ASP A 131 2.94 -5.33 6.46
C ASP A 131 2.31 -4.04 5.93
N VAL A 132 2.97 -2.88 6.20
CA VAL A 132 2.49 -1.56 5.77
C VAL A 132 2.34 -1.40 4.25
N PHE A 133 3.05 -2.20 3.45
CA PHE A 133 2.95 -2.14 1.99
C PHE A 133 1.58 -2.66 1.47
N TYR A 134 0.76 -3.26 2.35
CA TYR A 134 -0.58 -3.78 2.04
C TYR A 134 -1.65 -3.08 2.84
N LEU A 135 -1.27 -2.09 3.62
CA LEU A 135 -2.26 -1.38 4.45
C LEU A 135 -2.91 -0.21 3.70
N PRO A 136 -4.24 -0.08 3.65
CA PRO A 136 -4.81 1.12 3.03
C PRO A 136 -4.58 2.33 3.97
N PRO A 137 -4.38 3.54 3.42
CA PRO A 137 -4.19 4.73 4.28
C PRO A 137 -5.37 5.09 5.20
N GLU A 138 -5.03 5.64 6.36
CA GLU A 138 -6.01 6.05 7.37
C GLU A 138 -5.82 7.52 7.66
N LYS A 139 -6.93 8.21 8.01
CA LYS A 139 -6.93 9.63 8.43
C LYS A 139 -6.09 9.69 9.72
N CYS A 140 -5.19 10.68 9.81
CA CYS A 140 -4.35 10.87 10.99
C CYS A 140 -3.81 12.27 11.02
N ASP A 141 -3.53 12.78 12.23
CA ASP A 141 -2.96 14.11 12.42
C ASP A 141 -1.40 14.12 12.43
N THR A 142 -0.78 12.96 12.67
CA THR A 142 0.68 12.82 12.70
C THR A 142 1.00 11.48 12.08
N LEU A 143 1.91 11.48 11.12
CA LEU A 143 2.35 10.29 10.42
C LEU A 143 3.82 10.07 10.70
N LEU A 144 4.13 8.97 11.35
CA LEU A 144 5.51 8.59 11.66
C LEU A 144 5.85 7.30 10.92
N CYS A 145 7.07 7.24 10.37
CA CYS A 145 7.49 6.02 9.67
C CYS A 145 8.96 5.78 9.91
N ASP A 146 9.31 4.65 10.51
CA ASP A 146 10.74 4.34 10.76
C ASP A 146 11.22 3.11 9.99
N ILE A 147 10.62 2.86 8.81
CA ILE A 147 10.97 1.67 7.99
C ILE A 147 12.12 1.92 7.04
N GLY A 148 13.03 0.95 6.94
CA GLY A 148 14.17 0.99 6.03
C GLY A 148 15.27 0.07 6.52
N GLU A 149 15.34 -1.14 5.95
CA GLU A 149 16.32 -2.12 6.37
C GLU A 149 17.64 -1.90 5.63
N SER A 150 18.73 -1.79 6.39
CA SER A 150 20.06 -1.58 5.82
C SER A 150 20.52 -2.77 5.00
N SER A 151 21.40 -2.52 4.01
CA SER A 151 21.90 -3.63 3.20
C SER A 151 23.28 -3.23 2.71
N PRO A 152 24.24 -4.18 2.50
CA PRO A 152 25.54 -3.81 1.91
C PRO A 152 25.37 -3.29 0.46
N SER A 153 24.23 -3.61 -0.18
CA SER A 153 23.97 -3.20 -1.56
C SER A 153 23.25 -1.84 -1.61
N PRO A 154 23.89 -0.80 -2.18
CA PRO A 154 23.21 0.51 -2.24
C PRO A 154 22.01 0.49 -3.20
N THR A 155 22.01 -0.39 -4.24
CA THR A 155 20.85 -0.49 -5.16
C THR A 155 19.67 -1.15 -4.45
N VAL A 156 19.96 -2.09 -3.49
CA VAL A 156 18.89 -2.67 -2.66
C VAL A 156 18.32 -1.55 -1.75
N GLU A 157 19.21 -0.80 -1.08
CA GLU A 157 18.81 0.32 -0.21
C GLU A 157 18.01 1.40 -0.99
N GLU A 158 18.40 1.72 -2.23
CA GLU A 158 17.69 2.69 -3.09
C GLU A 158 16.24 2.21 -3.36
N SER A 159 16.09 0.92 -3.78
CA SER A 159 14.80 0.28 -4.02
C SER A 159 13.91 0.35 -2.75
N ARG A 160 14.46 -0.01 -1.56
CA ARG A 160 13.72 0.03 -0.29
C ARG A 160 13.27 1.47 0.06
N THR A 161 14.13 2.47 -0.21
CA THR A 161 13.83 3.87 0.07
C THR A 161 12.67 4.39 -0.82
N ILE A 162 12.77 4.21 -2.15
CA ILE A 162 11.72 4.59 -3.10
C ILE A 162 10.38 3.91 -2.71
N ARG A 163 10.41 2.59 -2.36
CA ARG A 163 9.21 1.87 -1.91
C ARG A 163 8.53 2.56 -0.73
N VAL A 164 9.31 2.92 0.32
CA VAL A 164 8.79 3.64 1.49
C VAL A 164 8.19 4.99 1.06
N LEU A 165 8.92 5.79 0.25
CA LEU A 165 8.47 7.12 -0.21
C LEU A 165 7.14 7.05 -0.99
N LYS A 166 6.98 6.03 -1.83
CA LYS A 166 5.75 5.84 -2.60
C LYS A 166 4.59 5.41 -1.68
N MET A 167 4.86 4.56 -0.66
CA MET A 167 3.86 4.04 0.28
C MET A 167 3.33 5.14 1.20
N VAL A 168 4.25 6.00 1.69
CA VAL A 168 3.87 7.02 2.67
C VAL A 168 3.00 8.15 2.11
N GLU A 169 3.20 8.54 0.83
CA GLU A 169 2.51 9.71 0.28
C GLU A 169 0.98 9.75 0.52
N PRO A 170 0.19 8.68 0.22
CA PRO A 170 -1.26 8.75 0.50
C PRO A 170 -1.66 8.98 1.95
N TRP A 171 -0.73 8.79 2.92
CA TRP A 171 -1.02 9.04 4.34
C TRP A 171 -0.84 10.54 4.70
N LEU A 172 -0.12 11.29 3.83
CA LEU A 172 0.20 12.72 4.02
C LEU A 172 -0.91 13.64 3.50
N LYS A 173 -1.58 14.33 4.41
CA LYS A 173 -2.72 15.20 4.15
C LYS A 173 -2.64 16.41 5.03
N ASN A 174 -1.65 17.29 4.77
CA ASN A 174 -1.47 18.53 5.53
C ASN A 174 -1.33 18.21 7.05
N ASN A 175 -0.62 17.10 7.36
CA ASN A 175 -0.40 16.63 8.74
C ASN A 175 1.06 16.71 9.17
N GLN A 176 1.32 16.56 10.47
CA GLN A 176 2.70 16.51 10.99
C GLN A 176 3.33 15.18 10.57
N PHE A 177 4.64 15.16 10.28
CA PHE A 177 5.25 13.87 9.87
C PHE A 177 6.75 13.79 10.18
N CYS A 178 7.25 12.56 10.30
CA CYS A 178 8.69 12.24 10.51
C CYS A 178 8.88 10.88 9.88
N ILE A 179 9.59 10.84 8.76
CA ILE A 179 9.73 9.65 7.92
C ILE A 179 11.20 9.33 7.67
N LYS A 180 11.61 8.08 7.97
CA LYS A 180 12.96 7.64 7.72
C LYS A 180 13.22 7.51 6.22
N VAL A 181 14.37 8.03 5.79
CA VAL A 181 14.88 7.97 4.41
C VAL A 181 16.21 7.22 4.51
N LEU A 182 16.13 5.90 4.29
CA LEU A 182 17.26 5.01 4.50
C LEU A 182 18.49 5.44 3.72
N ASN A 183 18.32 5.62 2.41
CA ASN A 183 19.41 5.94 1.47
C ASN A 183 18.98 7.19 0.69
N PRO A 184 19.36 8.38 1.18
CA PRO A 184 18.88 9.62 0.55
C PRO A 184 19.80 10.19 -0.53
N TYR A 185 20.95 9.53 -0.81
CA TYR A 185 21.94 10.11 -1.72
C TYR A 185 21.85 9.67 -3.19
N MET A 186 21.13 8.59 -3.50
CA MET A 186 21.01 8.14 -4.90
C MET A 186 20.18 9.15 -5.73
N PRO A 187 20.66 9.55 -6.93
CA PRO A 187 19.91 10.51 -7.77
C PRO A 187 18.40 10.27 -7.93
N THR A 188 17.98 9.00 -8.04
CA THR A 188 16.55 8.65 -8.15
C THR A 188 15.79 9.03 -6.86
N VAL A 189 16.42 8.83 -5.69
CA VAL A 189 15.80 9.15 -4.37
C VAL A 189 15.67 10.68 -4.23
N ILE A 190 16.74 11.41 -4.56
CA ILE A 190 16.74 12.88 -4.50
C ILE A 190 15.57 13.47 -5.34
N GLU A 191 15.35 12.91 -6.56
CA GLU A 191 14.27 13.31 -7.48
C GLU A 191 12.90 13.18 -6.80
N HIS A 192 12.65 12.02 -6.13
CA HIS A 192 11.41 11.79 -5.39
C HIS A 192 11.26 12.76 -4.20
N LEU A 193 12.33 12.92 -3.39
CA LEU A 193 12.33 13.80 -2.22
C LEU A 193 12.04 15.25 -2.58
N GLU A 194 12.62 15.74 -3.68
CA GLU A 194 12.36 17.11 -4.12
C GLU A 194 10.91 17.29 -4.54
N ARG A 195 10.34 16.31 -5.27
CA ARG A 195 8.93 16.30 -5.68
C ARG A 195 8.04 16.34 -4.43
N LEU A 196 8.37 15.48 -3.45
CA LEU A 196 7.65 15.36 -2.17
C LEU A 196 7.73 16.64 -1.35
N GLN A 197 8.93 17.26 -1.28
CA GLN A 197 9.14 18.53 -0.58
C GLN A 197 8.31 19.67 -1.22
N ARG A 198 8.22 19.73 -2.57
CA ARG A 198 7.43 20.77 -3.24
C ARG A 198 5.95 20.70 -2.86
N LYS A 199 5.41 19.48 -2.81
CA LYS A 199 4.00 19.21 -2.50
C LYS A 199 3.65 19.27 -1.00
N HIS A 200 4.46 18.62 -0.13
CA HIS A 200 4.14 18.50 1.31
C HIS A 200 5.05 19.34 2.26
N GLY A 201 6.07 20.02 1.71
CA GLY A 201 6.98 20.86 2.49
C GLY A 201 7.96 20.05 3.31
N GLY A 202 8.41 20.63 4.41
CA GLY A 202 9.35 19.94 5.28
C GLY A 202 10.79 19.96 4.80
N MET A 203 11.68 19.26 5.52
N MET A 203 11.68 19.25 5.50
CA MET A 203 13.12 19.21 5.25
CA MET A 203 13.10 19.17 5.15
C MET A 203 13.71 17.82 5.64
C MET A 203 13.75 17.84 5.66
N LEU A 204 14.91 17.49 5.12
CA LEU A 204 15.63 16.29 5.48
C LEU A 204 16.66 16.65 6.58
N VAL A 205 16.71 15.88 7.66
CA VAL A 205 17.58 16.14 8.82
C VAL A 205 18.33 14.90 9.27
N ARG A 206 19.64 15.07 9.53
CA ARG A 206 20.49 14.04 10.13
C ARG A 206 20.36 14.08 11.66
N ASN A 207 19.96 12.93 12.26
CA ASN A 207 19.82 12.83 13.70
C ASN A 207 21.22 12.46 14.29
N PRO A 208 21.74 13.21 15.29
CA PRO A 208 23.07 12.86 15.83
C PRO A 208 23.14 11.51 16.54
N LEU A 209 21.98 10.90 16.84
CA LEU A 209 21.89 9.57 17.45
C LEU A 209 22.03 8.43 16.43
N SER A 210 21.98 8.75 15.13
CA SER A 210 22.19 7.73 14.08
C SER A 210 23.65 7.24 14.07
N ARG A 211 23.85 5.96 13.74
CA ARG A 211 25.22 5.40 13.64
C ARG A 211 25.87 5.84 12.35
N ASN A 212 27.20 5.84 12.34
CA ASN A 212 27.97 6.17 11.13
C ASN A 212 27.81 5.07 10.06
N SER A 213 27.37 3.87 10.46
CA SER A 213 27.19 2.73 9.55
C SER A 213 25.90 2.87 8.65
N THR A 214 25.12 3.97 8.85
CA THR A 214 23.93 4.26 8.04
C THR A 214 23.94 5.71 7.59
N HIS A 215 23.48 5.94 6.35
CA HIS A 215 23.35 7.29 5.80
C HIS A 215 21.91 7.87 6.00
N GLU A 216 21.10 7.17 6.80
CA GLU A 216 19.71 7.53 7.06
C GLU A 216 19.54 9.02 7.47
N MET A 217 18.51 9.66 6.91
CA MET A 217 18.13 11.03 7.31
C MET A 217 16.61 10.97 7.43
N TYR A 218 16.01 11.93 8.11
CA TYR A 218 14.58 11.85 8.32
C TYR A 218 13.92 13.05 7.69
N TRP A 219 12.85 12.81 6.92
CA TRP A 219 12.04 13.86 6.33
C TRP A 219 11.01 14.26 7.40
N ILE A 220 11.17 15.49 7.91
CA ILE A 220 10.33 16.07 8.99
C ILE A 220 9.50 17.23 8.43
N SER A 221 8.31 17.49 8.97
CA SER A 221 7.38 18.44 8.38
C SER A 221 7.69 19.91 8.64
N ASN A 222 8.32 20.21 9.79
CA ASN A 222 8.55 21.60 10.21
C ASN A 222 9.97 22.08 9.97
N GLY A 223 10.17 22.58 8.78
CA GLY A 223 11.46 23.11 8.37
C GLY A 223 11.48 23.27 6.88
N THR A 224 12.51 23.93 6.41
CA THR A 224 12.72 24.13 4.99
C THR A 224 14.21 24.11 4.79
N GLY A 225 14.62 23.99 3.56
CA GLY A 225 16.03 23.94 3.25
C GLY A 225 16.31 23.17 1.99
N ASN A 226 17.56 23.18 1.59
CA ASN A 226 18.02 22.52 0.38
C ASN A 226 18.38 21.09 0.69
N ILE A 227 17.60 20.14 0.11
CA ILE A 227 17.79 18.70 0.28
C ILE A 227 19.19 18.27 -0.18
N VAL A 228 19.59 18.62 -1.41
CA VAL A 228 20.90 18.23 -1.95
C VAL A 228 22.07 18.65 -1.02
N SER A 229 22.05 19.93 -0.53
CA SER A 229 23.08 20.44 0.38
C SER A 229 23.14 19.63 1.66
N SER A 230 21.96 19.33 2.27
CA SER A 230 21.89 18.58 3.53
C SER A 230 22.42 17.16 3.40
N VAL A 231 22.14 16.49 2.26
CA VAL A 231 22.60 15.12 2.01
C VAL A 231 24.11 15.12 1.81
N ASN A 232 24.61 16.07 1.00
CA ASN A 232 26.05 16.19 0.75
C ASN A 232 26.85 16.48 2.05
N MET A 233 26.27 17.27 2.98
N MET A 233 26.35 17.31 3.02
CA MET A 233 26.85 17.60 4.27
CA MET A 233 27.16 17.49 4.25
C MET A 233 27.06 16.34 5.09
C MET A 233 27.18 16.21 5.08
N VAL A 234 26.09 15.43 5.08
CA VAL A 234 26.12 14.15 5.80
C VAL A 234 27.15 13.21 5.16
N SER A 235 27.18 13.16 3.83
CA SER A 235 28.16 12.33 3.10
C SER A 235 29.61 12.74 3.48
N ARG A 236 29.89 14.07 3.48
CA ARG A 236 31.20 14.61 3.83
C ARG A 236 31.55 14.30 5.30
N LEU A 237 30.56 14.43 6.22
CA LEU A 237 30.74 14.11 7.64
C LEU A 237 31.14 12.64 7.84
N LEU A 238 30.36 11.71 7.25
CA LEU A 238 30.60 10.26 7.36
C LEU A 238 31.91 9.83 6.73
N LEU A 239 32.30 10.47 5.61
CA LEU A 239 33.59 10.21 4.96
C LEU A 239 34.73 10.67 5.85
N ASN A 240 34.59 11.88 6.44
CA ASN A 240 35.58 12.45 7.33
C ASN A 240 35.78 11.57 8.59
N ARG A 241 34.73 10.82 9.01
CA ARG A 241 34.83 9.99 10.21
C ARG A 241 35.63 8.70 10.00
N PHE A 242 36.03 8.38 8.76
CA PHE A 242 36.93 7.25 8.49
C PHE A 242 38.39 7.66 8.71
N THR A 243 38.69 8.97 8.56
CA THR A 243 40.05 9.54 8.62
C THR A 243 40.73 9.41 9.98
N MET A 244 40.05 9.82 11.05
CA MET A 244 40.66 9.79 12.38
C MET A 244 40.39 8.51 13.16
N THR A 245 41.23 8.27 14.20
CA THR A 245 41.12 7.15 15.15
C THR A 245 39.78 7.33 15.90
N HIS A 246 39.20 6.22 16.39
CA HIS A 246 37.91 6.17 17.10
C HIS A 246 37.73 7.24 18.18
N ARG A 247 36.64 7.99 18.06
CA ARG A 247 36.24 8.98 19.04
C ARG A 247 35.10 8.31 19.79
N ARG A 248 35.24 8.16 21.11
CA ARG A 248 34.16 7.54 21.87
C ARG A 248 32.87 8.38 21.72
N PRO A 249 31.67 7.75 21.69
CA PRO A 249 30.44 8.53 21.49
C PRO A 249 30.17 9.45 22.66
N THR A 250 29.49 10.58 22.40
CA THR A 250 29.06 11.54 23.41
C THR A 250 27.86 10.88 24.10
N ILE A 251 27.93 10.68 25.41
CA ILE A 251 26.90 9.99 26.21
C ILE A 251 25.86 10.95 26.75
N GLU A 252 24.57 10.58 26.59
CA GLU A 252 23.48 11.42 27.06
C GLU A 252 22.53 10.57 27.88
N LYS A 253 21.66 11.23 28.65
CA LYS A 253 20.73 10.51 29.49
C LYS A 253 19.55 10.01 28.65
N ASP A 254 19.09 8.81 28.97
CA ASP A 254 17.95 8.22 28.31
C ASP A 254 16.68 8.87 28.87
N VAL A 255 15.58 8.74 28.13
CA VAL A 255 14.29 9.35 28.50
C VAL A 255 13.59 8.57 29.62
N ASP A 256 12.90 9.29 30.49
CA ASP A 256 12.07 8.72 31.56
C ASP A 256 10.63 8.94 31.07
N LEU A 257 9.94 7.85 30.70
CA LEU A 257 8.57 7.92 30.16
C LEU A 257 7.46 7.86 31.22
N GLY A 258 7.87 7.86 32.50
CA GLY A 258 6.97 7.91 33.64
C GLY A 258 6.01 6.74 33.77
N ALA A 259 4.84 7.03 34.32
CA ALA A 259 3.80 6.03 34.59
C ALA A 259 2.42 6.70 34.63
N GLY A 260 1.39 5.88 34.62
CA GLY A 260 0.02 6.36 34.74
C GLY A 260 -0.75 6.49 33.44
N THR A 261 -2.06 6.70 33.57
CA THR A 261 -2.96 6.80 32.43
C THR A 261 -3.30 8.24 32.14
N ARG A 262 -3.93 8.52 30.97
CA ARG A 262 -4.45 9.85 30.66
C ARG A 262 -5.83 9.82 29.96
N GLU B 7 5.40 4.46 -28.57
CA GLU B 7 4.19 3.67 -28.35
C GLU B 7 4.41 2.73 -27.17
N THR B 8 3.32 2.40 -26.46
CA THR B 8 3.40 1.55 -25.31
C THR B 8 3.34 0.08 -25.73
N LEU B 9 3.86 -0.81 -24.88
CA LEU B 9 3.83 -2.25 -25.03
C LEU B 9 2.35 -2.71 -25.21
N GLY B 10 1.44 -2.14 -24.41
CA GLY B 10 0.00 -2.44 -24.49
C GLY B 10 -0.64 -2.06 -25.83
N GLU B 11 -0.21 -0.92 -26.43
CA GLU B 11 -0.71 -0.50 -27.74
C GLU B 11 -0.24 -1.50 -28.83
N LYS B 12 0.97 -2.06 -28.67
CA LYS B 12 1.52 -3.04 -29.61
C LYS B 12 0.75 -4.35 -29.47
N TRP B 13 0.37 -4.70 -28.24
CA TRP B 13 -0.44 -5.90 -27.99
C TRP B 13 -1.81 -5.73 -28.68
N LYS B 14 -2.47 -4.56 -28.48
CA LYS B 14 -3.81 -4.24 -29.04
C LYS B 14 -3.82 -4.35 -30.57
N LYS B 15 -2.81 -3.78 -31.24
CA LYS B 15 -2.64 -3.84 -32.69
C LYS B 15 -2.59 -5.30 -33.17
N LYS B 16 -1.81 -6.16 -32.48
CA LYS B 16 -1.70 -7.61 -32.80
C LYS B 16 -3.04 -8.30 -32.57
N LEU B 17 -3.72 -8.00 -31.45
CA LEU B 17 -5.02 -8.59 -31.11
C LEU B 17 -6.07 -8.29 -32.20
N ASN B 18 -6.12 -7.04 -32.70
CA ASN B 18 -7.02 -6.58 -33.77
C ASN B 18 -6.78 -7.25 -35.14
N GLN B 19 -5.57 -7.79 -35.37
CA GLN B 19 -5.14 -8.47 -36.60
C GLN B 19 -5.57 -9.95 -36.63
N LEU B 20 -5.86 -10.55 -35.45
CA LEU B 20 -6.23 -11.97 -35.35
C LEU B 20 -7.56 -12.28 -36.05
N SER B 21 -7.62 -13.47 -36.70
CA SER B 21 -8.85 -13.96 -37.31
C SER B 21 -9.75 -14.46 -36.17
N ARG B 22 -11.05 -14.74 -36.47
CA ARG B 22 -11.99 -15.26 -35.46
C ARG B 22 -11.49 -16.59 -34.86
N LYS B 23 -10.79 -17.40 -35.67
CA LYS B 23 -10.23 -18.69 -35.28
C LYS B 23 -9.06 -18.48 -34.31
N GLU B 24 -8.06 -17.65 -34.71
CA GLU B 24 -6.87 -17.30 -33.93
C GLU B 24 -7.23 -16.67 -32.57
N PHE B 25 -8.26 -15.78 -32.57
CA PHE B 25 -8.77 -15.07 -31.38
C PHE B 25 -9.35 -16.02 -30.33
N ASP B 26 -10.17 -17.01 -30.75
CA ASP B 26 -10.82 -17.97 -29.84
C ASP B 26 -9.82 -18.86 -29.12
N LEU B 27 -8.70 -19.20 -29.80
CA LEU B 27 -7.62 -20.00 -29.23
C LEU B 27 -6.78 -19.12 -28.28
N TYR B 28 -6.37 -17.92 -28.75
CA TYR B 28 -5.55 -17.01 -27.95
C TYR B 28 -6.21 -16.61 -26.62
N LYS B 29 -7.49 -16.18 -26.67
CA LYS B 29 -8.22 -15.65 -25.51
C LYS B 29 -8.16 -16.56 -24.26
N LYS B 30 -8.08 -17.89 -24.44
CA LYS B 30 -8.08 -18.80 -23.30
C LYS B 30 -6.71 -19.45 -23.02
N SER B 31 -5.69 -19.21 -23.87
CA SER B 31 -4.38 -19.83 -23.71
C SER B 31 -3.69 -19.54 -22.37
N GLY B 32 -3.51 -20.58 -21.55
CA GLY B 32 -2.85 -20.49 -20.25
C GLY B 32 -3.64 -19.80 -19.14
N ILE B 33 -4.94 -19.51 -19.37
CA ILE B 33 -5.72 -18.81 -18.31
C ILE B 33 -6.32 -19.80 -17.32
N THR B 34 -6.87 -19.26 -16.23
CA THR B 34 -7.61 -20.06 -15.25
C THR B 34 -9.08 -19.75 -15.54
N GLU B 35 -9.95 -20.75 -15.44
CA GLU B 35 -11.38 -20.51 -15.62
C GLU B 35 -12.21 -21.46 -14.79
N VAL B 36 -13.39 -21.00 -14.36
CA VAL B 36 -14.28 -21.87 -13.60
C VAL B 36 -15.17 -22.66 -14.55
N ASP B 37 -15.59 -23.87 -14.16
CA ASP B 37 -16.47 -24.73 -14.95
C ASP B 37 -17.90 -24.26 -14.70
N ARG B 38 -18.52 -23.59 -15.71
CA ARG B 38 -19.87 -23.03 -15.63
C ARG B 38 -20.98 -23.95 -16.15
N THR B 39 -20.62 -25.20 -16.57
CA THR B 39 -21.54 -26.21 -17.12
C THR B 39 -22.79 -26.42 -16.25
N GLU B 40 -22.61 -26.79 -14.96
CA GLU B 40 -23.74 -27.03 -14.05
C GLU B 40 -24.52 -25.75 -13.73
N ALA B 41 -23.81 -24.61 -13.55
CA ALA B 41 -24.47 -23.35 -13.24
C ALA B 41 -25.38 -22.87 -14.39
N LYS B 42 -24.88 -22.89 -15.64
CA LYS B 42 -25.65 -22.46 -16.83
C LYS B 42 -26.93 -23.27 -16.98
N GLU B 43 -26.83 -24.59 -16.71
CA GLU B 43 -27.91 -25.58 -16.75
C GLU B 43 -28.96 -25.28 -15.66
N GLY B 44 -28.51 -25.09 -14.42
CA GLY B 44 -29.36 -24.76 -13.29
C GLY B 44 -30.13 -23.46 -13.47
N LEU B 45 -29.41 -22.39 -13.89
CA LEU B 45 -29.97 -21.06 -14.16
C LEU B 45 -31.02 -21.10 -15.28
N LYS B 46 -30.79 -21.95 -16.31
CA LYS B 46 -31.72 -22.17 -17.42
C LYS B 46 -33.04 -22.76 -16.92
N ARG B 47 -32.99 -23.62 -15.86
CA ARG B 47 -34.16 -24.24 -15.23
C ARG B 47 -34.77 -23.31 -14.16
N GLY B 48 -34.19 -22.13 -13.98
CA GLY B 48 -34.65 -21.16 -13.00
C GLY B 48 -34.31 -21.48 -11.56
N GLU B 49 -33.22 -22.24 -11.32
CA GLU B 49 -32.76 -22.56 -9.95
C GLU B 49 -32.14 -21.28 -9.39
N THR B 50 -32.48 -20.94 -8.14
CA THR B 50 -32.05 -19.71 -7.46
C THR B 50 -31.08 -19.94 -6.29
N THR B 51 -30.65 -21.19 -6.08
CA THR B 51 -29.71 -21.48 -5.00
C THR B 51 -28.40 -22.03 -5.55
N HIS B 52 -27.30 -21.84 -4.77
CA HIS B 52 -25.94 -22.33 -4.95
C HIS B 52 -25.18 -21.69 -6.11
N HIS B 53 -25.80 -21.61 -7.29
CA HIS B 53 -25.14 -21.07 -8.48
C HIS B 53 -24.79 -19.61 -8.41
N ALA B 54 -23.63 -19.26 -9.00
CA ALA B 54 -23.25 -17.86 -9.21
C ALA B 54 -23.95 -17.46 -10.52
N VAL B 55 -24.44 -16.24 -10.61
CA VAL B 55 -25.16 -15.76 -11.81
C VAL B 55 -24.24 -15.54 -13.03
N SER B 56 -22.92 -15.41 -12.78
CA SER B 56 -21.92 -15.14 -13.83
C SER B 56 -20.53 -15.61 -13.36
N ARG B 57 -19.52 -15.51 -14.24
CA ARG B 57 -18.13 -15.81 -13.89
C ARG B 57 -17.57 -14.75 -12.90
N GLY B 58 -18.30 -13.64 -12.72
CA GLY B 58 -17.93 -12.53 -11.85
C GLY B 58 -17.71 -12.89 -10.38
N SER B 59 -18.52 -13.83 -9.84
CA SER B 59 -18.41 -14.23 -8.44
C SER B 59 -17.01 -14.85 -8.16
N ALA B 60 -16.57 -15.81 -9.00
CA ALA B 60 -15.27 -16.45 -8.88
C ALA B 60 -14.13 -15.41 -9.07
N LYS B 61 -14.33 -14.45 -10.00
CA LYS B 61 -13.34 -13.42 -10.27
C LYS B 61 -13.12 -12.56 -9.03
N LEU B 62 -14.22 -12.11 -8.36
CA LEU B 62 -14.07 -11.30 -7.15
C LEU B 62 -13.50 -12.14 -5.99
N GLN B 63 -13.91 -13.45 -5.88
CA GLN B 63 -13.38 -14.34 -4.85
C GLN B 63 -11.86 -14.40 -4.90
N TRP B 64 -11.27 -14.43 -6.12
CA TRP B 64 -9.81 -14.50 -6.26
C TRP B 64 -9.13 -13.33 -5.49
N PHE B 65 -9.67 -12.12 -5.60
CA PHE B 65 -9.17 -10.93 -4.89
C PHE B 65 -9.40 -11.01 -3.38
N VAL B 66 -10.62 -11.38 -2.96
CA VAL B 66 -10.99 -11.44 -1.56
C VAL B 66 -10.18 -12.52 -0.79
N GLU B 67 -9.98 -13.72 -1.38
CA GLU B 67 -9.24 -14.77 -0.65
C GLU B 67 -7.73 -14.42 -0.46
N ARG B 68 -7.24 -13.38 -1.14
CA ARG B 68 -5.86 -12.89 -1.04
C ARG B 68 -5.81 -11.55 -0.29
N ASN B 69 -6.95 -11.14 0.34
CA ASN B 69 -7.07 -9.90 1.11
C ASN B 69 -6.70 -8.60 0.30
N MET B 70 -6.86 -8.66 -1.01
CA MET B 70 -6.60 -7.53 -1.93
C MET B 70 -7.66 -6.45 -1.72
N VAL B 71 -8.90 -6.90 -1.47
CA VAL B 71 -10.03 -6.07 -1.10
C VAL B 71 -10.72 -6.89 -0.01
N ILE B 72 -11.13 -6.24 1.06
CA ILE B 72 -11.78 -6.92 2.17
C ILE B 72 -13.19 -6.35 2.34
N PRO B 73 -14.22 -6.96 1.69
CA PRO B 73 -15.57 -6.39 1.76
C PRO B 73 -16.10 -6.40 3.17
N GLU B 74 -16.67 -5.26 3.57
CA GLU B 74 -17.20 -5.10 4.93
C GLU B 74 -18.24 -4.02 4.96
N GLY B 75 -19.12 -4.09 5.96
CA GLY B 75 -20.18 -3.11 6.17
C GLY B 75 -21.05 -2.90 4.95
N ARG B 76 -21.24 -1.63 4.59
CA ARG B 76 -22.06 -1.16 3.48
C ARG B 76 -21.23 -1.23 2.21
N VAL B 77 -21.63 -2.14 1.31
CA VAL B 77 -20.97 -2.39 0.03
C VAL B 77 -21.79 -1.72 -1.07
N ILE B 78 -21.13 -0.93 -1.92
CA ILE B 78 -21.74 -0.32 -3.10
C ILE B 78 -21.09 -1.04 -4.32
N ASP B 79 -21.92 -1.67 -5.20
CA ASP B 79 -21.49 -2.38 -6.40
C ASP B 79 -21.96 -1.58 -7.64
N LEU B 80 -21.05 -0.83 -8.23
CA LEU B 80 -21.34 0.03 -9.38
C LEU B 80 -21.18 -0.81 -10.66
N GLY B 81 -22.23 -0.87 -11.47
CA GLY B 81 -22.26 -1.70 -12.68
C GLY B 81 -22.40 -3.18 -12.31
N CYS B 82 -23.43 -3.51 -11.52
CA CYS B 82 -23.62 -4.85 -10.98
C CYS B 82 -24.03 -5.92 -12.01
N GLY B 83 -24.53 -5.48 -13.18
CA GLY B 83 -25.00 -6.40 -14.21
C GLY B 83 -25.94 -7.44 -13.63
N ARG B 84 -25.63 -8.74 -13.83
CA ARG B 84 -26.50 -9.84 -13.31
C ARG B 84 -26.48 -9.95 -11.77
N GLY B 85 -25.40 -9.45 -11.14
CA GLY B 85 -25.23 -9.44 -9.69
C GLY B 85 -24.14 -10.33 -9.11
N GLY B 86 -23.26 -10.87 -9.97
CA GLY B 86 -22.19 -11.77 -9.55
C GLY B 86 -21.36 -11.27 -8.39
N TRP B 87 -20.89 -9.99 -8.43
CA TRP B 87 -20.10 -9.45 -7.31
C TRP B 87 -20.99 -9.23 -6.07
N SER B 88 -22.21 -8.72 -6.28
CA SER B 88 -23.16 -8.50 -5.19
C SER B 88 -23.55 -9.76 -4.40
N TYR B 89 -23.92 -10.87 -5.10
CA TYR B 89 -24.33 -12.12 -4.40
C TYR B 89 -23.17 -12.76 -3.65
N TYR B 90 -21.95 -12.62 -4.19
CA TYR B 90 -20.76 -13.14 -3.52
C TYR B 90 -20.50 -12.37 -2.19
N CYS B 91 -20.47 -11.02 -2.22
CA CYS B 91 -20.27 -10.19 -1.03
C CYS B 91 -21.32 -10.44 0.01
N ALA B 92 -22.56 -10.68 -0.42
CA ALA B 92 -23.68 -10.94 0.50
C ALA B 92 -23.48 -12.11 1.47
N GLY B 93 -22.64 -13.09 1.12
CA GLY B 93 -22.41 -14.22 2.00
C GLY B 93 -21.22 -14.08 2.94
N LEU B 94 -20.50 -12.95 2.85
CA LEU B 94 -19.30 -12.68 3.64
C LEU B 94 -19.69 -12.12 5.00
N LYS B 95 -19.12 -12.69 6.06
CA LYS B 95 -19.42 -12.37 7.46
C LYS B 95 -19.38 -10.87 7.80
N LYS B 96 -18.32 -10.16 7.37
CA LYS B 96 -18.15 -8.73 7.70
C LYS B 96 -19.15 -7.82 6.99
N VAL B 97 -19.76 -8.30 5.88
CA VAL B 97 -20.68 -7.48 5.06
C VAL B 97 -22.07 -7.41 5.70
N THR B 98 -22.63 -6.19 5.77
CA THR B 98 -23.97 -5.97 6.37
C THR B 98 -25.06 -5.52 5.38
N GLU B 99 -24.68 -4.88 4.25
CA GLU B 99 -25.64 -4.38 3.23
C GLU B 99 -24.92 -4.31 1.90
N VAL B 100 -25.60 -4.74 0.81
CA VAL B 100 -25.03 -4.69 -0.53
C VAL B 100 -26.06 -3.95 -1.40
N ARG B 101 -25.63 -2.85 -2.00
CA ARG B 101 -26.44 -2.05 -2.90
C ARG B 101 -25.77 -2.02 -4.27
N GLY B 102 -26.42 -2.69 -5.25
CA GLY B 102 -25.93 -2.80 -6.63
C GLY B 102 -26.69 -1.89 -7.58
N TYR B 103 -25.98 -1.27 -8.53
CA TYR B 103 -26.62 -0.34 -9.47
C TYR B 103 -26.14 -0.71 -10.86
N THR B 104 -27.06 -0.77 -11.83
CA THR B 104 -26.71 -1.13 -13.20
C THR B 104 -27.65 -0.43 -14.21
N LYS B 105 -27.15 -0.16 -15.41
CA LYS B 105 -27.87 0.55 -16.48
C LYS B 105 -29.10 -0.22 -16.95
N GLY B 106 -28.90 -1.50 -17.30
CA GLY B 106 -29.98 -2.35 -17.81
C GLY B 106 -30.45 -1.87 -19.16
N GLY B 107 -31.62 -2.34 -19.57
CA GLY B 107 -32.19 -1.96 -20.87
C GLY B 107 -31.60 -2.72 -22.04
N PRO B 108 -31.96 -2.34 -23.30
CA PRO B 108 -31.44 -3.11 -24.46
C PRO B 108 -29.92 -3.14 -24.59
N GLY B 109 -29.41 -4.34 -24.86
CA GLY B 109 -27.99 -4.63 -25.03
C GLY B 109 -27.20 -4.76 -23.74
N HIS B 110 -27.85 -4.52 -22.57
CA HIS B 110 -27.21 -4.54 -21.25
C HIS B 110 -27.83 -5.58 -20.32
N GLU B 111 -26.97 -6.25 -19.51
CA GLU B 111 -27.36 -7.28 -18.54
C GLU B 111 -28.30 -6.72 -17.49
N GLU B 112 -29.34 -7.48 -17.18
CA GLU B 112 -30.30 -7.10 -16.15
C GLU B 112 -29.96 -7.88 -14.86
N PRO B 113 -30.23 -7.34 -13.64
CA PRO B 113 -30.02 -8.14 -12.43
C PRO B 113 -30.89 -9.40 -12.43
N VAL B 114 -30.28 -10.52 -11.97
CA VAL B 114 -30.91 -11.85 -11.91
C VAL B 114 -31.34 -12.08 -10.44
N PRO B 115 -32.63 -12.31 -10.12
CA PRO B 115 -32.99 -12.56 -8.72
C PRO B 115 -32.49 -13.93 -8.27
N MET B 116 -31.84 -13.98 -7.11
CA MET B 116 -31.33 -15.22 -6.55
C MET B 116 -31.69 -15.36 -5.08
N SER B 117 -31.60 -16.59 -4.56
CA SER B 117 -31.83 -16.95 -3.17
C SER B 117 -30.57 -17.60 -2.54
N THR B 118 -29.38 -17.22 -3.06
CA THR B 118 -28.10 -17.68 -2.53
C THR B 118 -27.90 -17.11 -1.11
N TYR B 119 -26.97 -17.69 -0.32
CA TYR B 119 -26.77 -17.26 1.04
C TYR B 119 -26.57 -15.74 1.21
N GLY B 120 -27.42 -15.12 2.03
CA GLY B 120 -27.40 -13.69 2.30
C GLY B 120 -28.12 -12.82 1.28
N TRP B 121 -28.93 -13.44 0.38
CA TRP B 121 -29.70 -12.68 -0.64
C TRP B 121 -30.53 -11.52 -0.06
N ASN B 122 -31.01 -11.66 1.19
CA ASN B 122 -31.86 -10.67 1.86
C ASN B 122 -31.20 -9.31 2.12
N ILE B 123 -29.86 -9.27 2.21
CA ILE B 123 -29.16 -8.01 2.48
C ILE B 123 -28.75 -7.30 1.16
N VAL B 124 -29.16 -7.87 0.01
CA VAL B 124 -28.86 -7.36 -1.35
C VAL B 124 -30.01 -6.57 -1.95
N LYS B 125 -29.71 -5.42 -2.53
CA LYS B 125 -30.69 -4.67 -3.32
C LYS B 125 -29.99 -4.31 -4.62
N LEU B 126 -30.50 -4.87 -5.73
CA LEU B 126 -29.96 -4.60 -7.07
C LEU B 126 -30.94 -3.70 -7.80
N MET B 127 -30.44 -2.56 -8.31
CA MET B 127 -31.29 -1.58 -8.98
C MET B 127 -30.92 -1.37 -10.41
N SER B 128 -31.86 -1.68 -11.32
CA SER B 128 -31.66 -1.49 -12.75
C SER B 128 -32.14 -0.09 -13.17
N GLY B 129 -31.87 0.31 -14.41
CA GLY B 129 -32.25 1.63 -14.94
C GLY B 129 -31.54 2.80 -14.26
N LYS B 130 -30.35 2.55 -13.68
CA LYS B 130 -29.57 3.59 -12.99
C LYS B 130 -28.22 3.78 -13.66
N ASP B 131 -27.95 5.03 -14.09
CA ASP B 131 -26.67 5.42 -14.69
C ASP B 131 -25.82 5.89 -13.51
N VAL B 132 -24.71 5.17 -13.20
CA VAL B 132 -23.88 5.48 -12.03
C VAL B 132 -23.19 6.84 -12.15
N PHE B 133 -23.13 7.43 -13.37
CA PHE B 133 -22.57 8.75 -13.60
C PHE B 133 -23.41 9.87 -12.96
N TYR B 134 -24.70 9.57 -12.64
CA TYR B 134 -25.66 10.47 -11.99
C TYR B 134 -25.98 10.09 -10.54
N LEU B 135 -25.32 9.08 -10.01
CA LEU B 135 -25.55 8.65 -8.64
C LEU B 135 -24.66 9.49 -7.71
N PRO B 136 -25.20 10.36 -6.85
CA PRO B 136 -24.31 11.13 -5.95
C PRO B 136 -23.58 10.22 -4.94
N PRO B 137 -22.26 10.45 -4.75
CA PRO B 137 -21.50 9.64 -3.77
C PRO B 137 -22.10 9.63 -2.37
N GLU B 138 -22.26 8.42 -1.83
CA GLU B 138 -22.80 8.09 -0.50
C GLU B 138 -21.68 7.52 0.37
N LYS B 139 -21.88 7.55 1.69
CA LYS B 139 -20.88 6.97 2.61
C LYS B 139 -21.00 5.44 2.51
N CYS B 140 -19.88 4.77 2.24
CA CYS B 140 -19.83 3.31 2.19
C CYS B 140 -18.50 2.81 2.73
N ASP B 141 -18.47 1.55 3.12
CA ASP B 141 -17.25 0.95 3.66
C ASP B 141 -16.44 0.24 2.59
N THR B 142 -17.13 -0.25 1.52
CA THR B 142 -16.53 -0.96 0.39
C THR B 142 -17.14 -0.42 -0.93
N LEU B 143 -16.28 -0.02 -1.87
CA LEU B 143 -16.73 0.50 -3.17
C LEU B 143 -16.19 -0.45 -4.23
N LEU B 144 -17.09 -1.09 -4.97
CA LEU B 144 -16.78 -2.00 -6.06
C LEU B 144 -17.27 -1.40 -7.37
N CYS B 145 -16.50 -1.53 -8.43
CA CYS B 145 -16.89 -1.01 -9.73
C CYS B 145 -16.29 -1.91 -10.81
N ASP B 146 -17.15 -2.46 -11.67
CA ASP B 146 -16.72 -3.36 -12.73
C ASP B 146 -17.18 -2.89 -14.12
N ILE B 147 -17.19 -1.58 -14.35
CA ILE B 147 -17.60 -0.97 -15.60
C ILE B 147 -16.40 -0.75 -16.54
N GLY B 148 -16.62 -1.02 -17.83
CA GLY B 148 -15.63 -0.81 -18.88
C GLY B 148 -15.95 -1.61 -20.10
N GLU B 149 -16.48 -0.94 -21.14
CA GLU B 149 -16.84 -1.62 -22.41
C GLU B 149 -15.65 -1.62 -23.36
N SER B 150 -15.20 -2.81 -23.74
CA SER B 150 -14.07 -2.98 -24.65
C SER B 150 -14.42 -2.48 -26.06
N SER B 151 -13.42 -2.00 -26.78
CA SER B 151 -13.57 -1.47 -28.12
C SER B 151 -12.31 -1.81 -28.89
N PRO B 152 -12.39 -2.03 -30.23
CA PRO B 152 -11.15 -2.25 -31.02
C PRO B 152 -10.25 -1.02 -31.01
N SER B 153 -10.82 0.16 -30.66
CA SER B 153 -10.08 1.41 -30.60
C SER B 153 -9.53 1.72 -29.19
N PRO B 154 -8.20 1.74 -29.04
CA PRO B 154 -7.60 2.08 -27.73
C PRO B 154 -7.91 3.51 -27.24
N THR B 155 -8.17 4.47 -28.16
CA THR B 155 -8.51 5.87 -27.81
C THR B 155 -9.91 5.95 -27.20
N VAL B 156 -10.83 5.15 -27.74
CA VAL B 156 -12.20 5.01 -27.26
C VAL B 156 -12.12 4.41 -25.83
N GLU B 157 -11.34 3.31 -25.66
CA GLU B 157 -11.19 2.67 -24.34
C GLU B 157 -10.54 3.61 -23.33
N GLU B 158 -9.53 4.40 -23.77
CA GLU B 158 -8.84 5.39 -22.93
C GLU B 158 -9.87 6.39 -22.37
N SER B 159 -10.77 6.89 -23.25
CA SER B 159 -11.83 7.82 -22.91
C SER B 159 -12.84 7.22 -21.91
N ARG B 160 -13.27 5.96 -22.13
CA ARG B 160 -14.21 5.25 -21.27
C ARG B 160 -13.60 5.01 -19.88
N THR B 161 -12.30 4.62 -19.84
CA THR B 161 -11.57 4.33 -18.60
C THR B 161 -11.42 5.61 -17.78
N ILE B 162 -10.97 6.71 -18.41
CA ILE B 162 -10.82 8.01 -17.73
C ILE B 162 -12.16 8.47 -17.12
N ARG B 163 -13.28 8.30 -17.86
CA ARG B 163 -14.61 8.67 -17.38
C ARG B 163 -14.99 7.90 -16.09
N VAL B 164 -14.72 6.59 -16.04
CA VAL B 164 -14.96 5.75 -14.86
C VAL B 164 -14.07 6.24 -13.67
N LEU B 165 -12.77 6.51 -13.92
CA LEU B 165 -11.83 6.98 -12.90
C LEU B 165 -12.26 8.29 -12.24
N LYS B 166 -12.80 9.21 -13.06
CA LYS B 166 -13.30 10.50 -12.57
C LYS B 166 -14.57 10.30 -11.76
N MET B 167 -15.39 9.33 -12.16
CA MET B 167 -16.64 9.00 -11.47
C MET B 167 -16.39 8.32 -10.10
N VAL B 168 -15.49 7.33 -10.02
CA VAL B 168 -15.23 6.61 -8.78
C VAL B 168 -14.56 7.44 -7.68
N GLU B 169 -13.63 8.36 -8.03
CA GLU B 169 -12.82 9.15 -7.08
C GLU B 169 -13.63 9.75 -5.90
N PRO B 170 -14.76 10.48 -6.11
CA PRO B 170 -15.46 11.04 -4.94
C PRO B 170 -16.11 10.00 -4.00
N TRP B 171 -16.17 8.71 -4.40
CA TRP B 171 -16.71 7.64 -3.55
C TRP B 171 -15.61 7.11 -2.61
N LEU B 172 -14.33 7.47 -2.87
CA LEU B 172 -13.21 6.94 -2.10
C LEU B 172 -12.83 7.86 -0.93
N LYS B 173 -13.12 7.39 0.30
CA LYS B 173 -12.88 8.10 1.56
C LYS B 173 -12.33 7.12 2.62
N ASN B 174 -11.03 6.74 2.51
CA ASN B 174 -10.38 5.80 3.42
C ASN B 174 -11.21 4.52 3.60
N ASN B 175 -11.64 3.93 2.48
CA ASN B 175 -12.47 2.74 2.52
C ASN B 175 -11.89 1.66 1.61
N GLN B 176 -12.45 0.45 1.65
CA GLN B 176 -11.98 -0.66 0.82
C GLN B 176 -12.52 -0.45 -0.59
N PHE B 177 -11.74 -0.88 -1.61
CA PHE B 177 -12.22 -0.73 -2.98
C PHE B 177 -11.59 -1.74 -3.96
N CYS B 178 -12.27 -1.95 -5.07
CA CYS B 178 -11.85 -2.85 -6.16
C CYS B 178 -12.52 -2.35 -7.43
N ILE B 179 -11.71 -1.68 -8.29
CA ILE B 179 -12.24 -0.98 -9.44
C ILE B 179 -11.61 -1.46 -10.72
N LYS B 180 -12.45 -1.87 -11.70
CA LYS B 180 -11.91 -2.28 -13.00
C LYS B 180 -11.34 -1.07 -13.75
N VAL B 181 -10.14 -1.26 -14.31
CA VAL B 181 -9.46 -0.28 -15.14
C VAL B 181 -9.32 -1.01 -16.50
N LEU B 182 -10.28 -0.75 -17.40
CA LEU B 182 -10.43 -1.37 -18.73
C LEU B 182 -9.13 -1.31 -19.54
N ASN B 183 -8.62 -0.10 -19.73
CA ASN B 183 -7.41 0.13 -20.49
C ASN B 183 -6.43 0.85 -19.57
N PRO B 184 -5.48 0.12 -18.96
CA PRO B 184 -4.54 0.77 -18.04
C PRO B 184 -3.20 1.16 -18.70
N TYR B 185 -2.99 0.81 -20.00
CA TYR B 185 -1.70 1.04 -20.69
C TYR B 185 -1.62 2.37 -21.46
N MET B 186 -2.77 3.02 -21.72
CA MET B 186 -2.71 4.29 -22.46
C MET B 186 -2.03 5.36 -21.57
N PRO B 187 -1.07 6.14 -22.13
CA PRO B 187 -0.33 7.10 -21.29
C PRO B 187 -1.16 8.04 -20.43
N THR B 188 -2.27 8.62 -20.96
CA THR B 188 -3.12 9.52 -20.17
C THR B 188 -3.80 8.80 -18.98
N VAL B 189 -4.11 7.50 -19.15
CA VAL B 189 -4.69 6.66 -18.10
C VAL B 189 -3.64 6.45 -17.01
N ILE B 190 -2.38 6.15 -17.39
CA ILE B 190 -1.29 5.98 -16.42
C ILE B 190 -1.12 7.25 -15.57
N GLU B 191 -1.13 8.45 -16.23
CA GLU B 191 -1.02 9.74 -15.55
C GLU B 191 -2.12 9.91 -14.49
N HIS B 192 -3.37 9.57 -14.85
CA HIS B 192 -4.53 9.63 -13.98
C HIS B 192 -4.38 8.67 -12.79
N LEU B 193 -3.99 7.42 -13.06
CA LEU B 193 -3.80 6.40 -12.02
C LEU B 193 -2.67 6.77 -11.04
N GLU B 194 -1.55 7.29 -11.54
CA GLU B 194 -0.43 7.71 -10.69
C GLU B 194 -0.91 8.80 -9.71
N ARG B 195 -1.74 9.74 -10.20
CA ARG B 195 -2.34 10.81 -9.40
C ARG B 195 -3.27 10.23 -8.34
N LEU B 196 -4.14 9.27 -8.75
CA LEU B 196 -5.12 8.62 -7.87
C LEU B 196 -4.44 7.83 -6.75
N GLN B 197 -3.35 7.13 -7.10
CA GLN B 197 -2.56 6.35 -6.16
C GLN B 197 -1.84 7.26 -5.13
N ARG B 198 -1.28 8.44 -5.54
CA ARG B 198 -0.65 9.36 -4.59
C ARG B 198 -1.67 9.89 -3.56
N LYS B 199 -2.95 9.97 -3.96
CA LYS B 199 -4.04 10.47 -3.10
C LYS B 199 -4.72 9.41 -2.22
N HIS B 200 -5.04 8.23 -2.80
CA HIS B 200 -5.83 7.18 -2.11
C HIS B 200 -5.09 5.88 -1.83
N GLY B 201 -3.90 5.73 -2.41
CA GLY B 201 -3.10 4.53 -2.26
C GLY B 201 -3.64 3.38 -3.10
N GLY B 202 -3.36 2.16 -2.64
CA GLY B 202 -3.75 0.98 -3.40
C GLY B 202 -2.76 0.69 -4.51
N MET B 203 -3.11 -0.30 -5.37
CA MET B 203 -2.26 -0.76 -6.47
CA MET B 203 -2.26 -0.78 -6.45
C MET B 203 -3.11 -1.43 -7.57
N LEU B 204 -2.53 -1.59 -8.77
CA LEU B 204 -3.20 -2.25 -9.92
C LEU B 204 -2.74 -3.70 -9.94
N VAL B 205 -3.70 -4.64 -10.07
N VAL B 205 -3.69 -4.63 -10.11
CA VAL B 205 -3.46 -6.09 -10.04
CA VAL B 205 -3.40 -6.05 -10.14
C VAL B 205 -4.18 -6.80 -11.21
C VAL B 205 -4.10 -6.71 -11.34
N ARG B 206 -3.52 -7.79 -11.83
CA ARG B 206 -4.04 -8.58 -12.91
C ARG B 206 -4.66 -9.84 -12.27
N ASN B 207 -5.89 -10.13 -12.64
CA ASN B 207 -6.62 -11.31 -12.19
C ASN B 207 -6.39 -12.47 -13.21
N PRO B 208 -5.87 -13.64 -12.77
CA PRO B 208 -5.61 -14.75 -13.72
C PRO B 208 -6.85 -15.35 -14.40
N LEU B 209 -8.05 -15.06 -13.87
CA LEU B 209 -9.34 -15.46 -14.45
C LEU B 209 -9.72 -14.51 -15.61
N SER B 210 -8.98 -13.39 -15.78
CA SER B 210 -9.26 -12.48 -16.91
C SER B 210 -8.82 -13.20 -18.22
N ARG B 211 -9.54 -13.00 -19.34
CA ARG B 211 -9.16 -13.60 -20.62
C ARG B 211 -7.96 -12.85 -21.20
N ASN B 212 -7.14 -13.51 -22.06
CA ASN B 212 -6.00 -12.86 -22.69
C ASN B 212 -6.45 -11.75 -23.67
N SER B 213 -7.74 -11.79 -24.06
CA SER B 213 -8.34 -10.84 -25.00
C SER B 213 -8.61 -9.46 -24.38
N THR B 214 -8.36 -9.31 -23.08
CA THR B 214 -8.51 -8.01 -22.39
C THR B 214 -7.26 -7.70 -21.57
N HIS B 215 -6.83 -6.42 -21.57
CA HIS B 215 -5.71 -5.94 -20.76
C HIS B 215 -6.23 -5.39 -19.41
N GLU B 216 -7.51 -5.68 -19.04
CA GLU B 216 -8.10 -5.18 -17.82
C GLU B 216 -7.26 -5.47 -16.58
N MET B 217 -7.19 -4.50 -15.70
CA MET B 217 -6.50 -4.63 -14.40
C MET B 217 -7.40 -3.99 -13.38
N TYR B 218 -7.25 -4.34 -12.11
CA TYR B 218 -8.12 -3.80 -11.08
C TYR B 218 -7.31 -3.01 -10.08
N TRP B 219 -7.82 -1.85 -9.73
CA TRP B 219 -7.24 -0.97 -8.72
C TRP B 219 -7.87 -1.39 -7.39
N ILE B 220 -7.07 -2.02 -6.55
CA ILE B 220 -7.47 -2.53 -5.24
C ILE B 220 -6.90 -1.66 -4.13
N SER B 221 -7.59 -1.55 -3.00
CA SER B 221 -7.15 -0.66 -1.93
C SER B 221 -5.91 -1.10 -1.14
N ASN B 222 -5.74 -2.41 -0.97
CA ASN B 222 -4.72 -2.97 -0.07
C ASN B 222 -3.45 -3.35 -0.80
N GLY B 223 -2.63 -2.38 -1.00
CA GLY B 223 -1.36 -2.61 -1.68
C GLY B 223 -0.71 -1.33 -2.09
N THR B 224 0.53 -1.46 -2.54
CA THR B 224 1.37 -0.37 -2.98
C THR B 224 2.15 -0.94 -4.15
N GLY B 225 2.88 -0.11 -4.83
CA GLY B 225 3.75 -0.58 -5.91
C GLY B 225 3.84 0.40 -7.07
N ASN B 226 4.64 0.03 -8.08
CA ASN B 226 4.84 0.88 -9.25
C ASN B 226 3.82 0.50 -10.32
N ILE B 227 2.90 1.42 -10.61
CA ILE B 227 1.81 1.22 -11.58
C ILE B 227 2.37 0.91 -12.98
N VAL B 228 3.30 1.73 -13.49
CA VAL B 228 3.94 1.56 -14.82
C VAL B 228 4.54 0.16 -14.96
N SER B 229 5.28 -0.32 -13.93
CA SER B 229 5.93 -1.65 -13.92
C SER B 229 4.90 -2.79 -13.98
N SER B 230 3.86 -2.74 -13.15
CA SER B 230 2.83 -3.79 -13.14
C SER B 230 2.07 -3.85 -14.48
N VAL B 231 1.80 -2.68 -15.09
CA VAL B 231 1.10 -2.60 -16.38
C VAL B 231 1.96 -3.21 -17.48
N ASN B 232 3.26 -2.84 -17.52
CA ASN B 232 4.19 -3.36 -18.52
C ASN B 232 4.42 -4.89 -18.38
N MET B 233 4.42 -5.44 -17.16
CA MET B 233 4.51 -6.91 -16.95
C MET B 233 3.34 -7.64 -17.57
N VAL B 234 2.12 -7.08 -17.42
CA VAL B 234 0.90 -7.61 -18.01
C VAL B 234 1.02 -7.60 -19.54
N SER B 235 1.43 -6.44 -20.11
CA SER B 235 1.67 -6.33 -21.56
C SER B 235 2.62 -7.39 -22.08
N ARG B 236 3.71 -7.68 -21.32
CA ARG B 236 4.71 -8.68 -21.69
C ARG B 236 4.12 -10.10 -21.66
N LEU B 237 3.34 -10.42 -20.62
CA LEU B 237 2.63 -11.70 -20.45
C LEU B 237 1.68 -11.95 -21.63
N LEU B 238 0.80 -10.98 -21.94
CA LEU B 238 -0.15 -11.10 -23.05
C LEU B 238 0.55 -11.24 -24.41
N LEU B 239 1.67 -10.52 -24.62
CA LEU B 239 2.44 -10.67 -25.87
C LEU B 239 3.08 -12.06 -26.03
N ASN B 240 3.65 -12.62 -24.93
CA ASN B 240 4.26 -13.97 -24.98
C ASN B 240 3.21 -15.03 -25.25
N ARG B 241 1.94 -14.82 -24.78
CA ARG B 241 0.87 -15.79 -24.98
C ARG B 241 0.37 -15.86 -26.44
N PHE B 242 0.74 -14.89 -27.30
CA PHE B 242 0.37 -14.94 -28.71
C PHE B 242 1.08 -16.10 -29.41
N THR B 243 2.39 -16.29 -29.10
CA THR B 243 3.27 -17.26 -29.76
C THR B 243 3.61 -18.53 -28.98
N MET B 244 3.46 -18.53 -27.65
CA MET B 244 3.74 -19.73 -26.85
C MET B 244 2.79 -20.88 -27.25
N THR B 245 3.26 -22.16 -27.16
CA THR B 245 2.45 -23.36 -27.46
C THR B 245 1.09 -23.24 -26.73
N HIS B 246 -0.03 -23.54 -27.42
CA HIS B 246 -1.36 -23.43 -26.82
C HIS B 246 -1.48 -24.25 -25.53
N ARG B 247 -1.95 -23.61 -24.46
CA ARG B 247 -2.18 -24.29 -23.19
C ARG B 247 -3.67 -24.23 -22.90
N ARG B 248 -4.30 -25.40 -22.77
CA ARG B 248 -5.73 -25.43 -22.45
C ARG B 248 -5.93 -24.77 -21.06
N PRO B 249 -6.98 -23.93 -20.86
CA PRO B 249 -7.15 -23.28 -19.54
C PRO B 249 -7.14 -24.21 -18.33
N THR B 250 -6.63 -23.70 -17.18
CA THR B 250 -6.65 -24.44 -15.91
C THR B 250 -8.11 -24.34 -15.41
N ILE B 251 -8.82 -25.48 -15.34
CA ILE B 251 -10.23 -25.52 -14.92
C ILE B 251 -10.36 -25.79 -13.42
N GLU B 252 -11.10 -24.90 -12.72
CA GLU B 252 -11.40 -24.96 -11.31
C GLU B 252 -12.92 -25.08 -11.09
N LYS B 253 -13.33 -25.58 -9.93
CA LYS B 253 -14.75 -25.71 -9.58
C LYS B 253 -15.31 -24.30 -9.33
N ASP B 254 -16.52 -24.00 -9.85
CA ASP B 254 -17.12 -22.67 -9.67
C ASP B 254 -17.56 -22.51 -8.20
N VAL B 255 -17.77 -21.27 -7.74
CA VAL B 255 -18.19 -20.99 -6.36
C VAL B 255 -19.55 -21.64 -6.01
N ASP B 256 -19.69 -22.06 -4.76
CA ASP B 256 -20.97 -22.56 -4.24
C ASP B 256 -21.39 -21.44 -3.30
N LEU B 257 -22.42 -20.66 -3.70
CA LEU B 257 -22.90 -19.52 -2.90
C LEU B 257 -23.98 -19.91 -1.92
N GLY B 258 -24.23 -21.22 -1.77
CA GLY B 258 -25.18 -21.74 -0.79
C GLY B 258 -26.61 -21.26 -0.93
N ALA B 259 -27.32 -21.20 0.21
CA ALA B 259 -28.74 -20.84 0.24
C ALA B 259 -29.19 -20.25 1.56
N GLY B 260 -30.32 -19.54 1.52
CA GLY B 260 -30.97 -19.01 2.70
C GLY B 260 -30.66 -17.59 3.08
N THR B 261 -31.40 -17.08 4.07
CA THR B 261 -31.18 -15.71 4.54
C THR B 261 -30.07 -15.62 5.59
N ARG B 262 -29.56 -14.38 5.84
CA ARG B 262 -28.63 -14.03 6.89
C ARG B 262 -29.35 -13.22 7.99
N SAM C . 10.79 3.40 15.86
CA SAM C . 10.91 2.05 16.48
C SAM C . 11.14 2.19 17.99
O SAM C . 11.28 3.35 18.45
OXT SAM C . 11.15 1.15 18.66
CB SAM C . 12.02 1.24 15.80
CG SAM C . 11.47 0.72 14.47
SD SAM C . 12.71 -0.20 13.57
CE SAM C . 13.88 0.94 12.96
C5' SAM C . 11.79 -0.46 12.02
C4' SAM C . 10.73 -1.55 12.25
O4' SAM C . 9.93 -1.68 11.05
C3' SAM C . 11.30 -2.94 12.57
O3' SAM C . 10.86 -3.38 13.84
C2' SAM C . 10.77 -3.83 11.44
O2' SAM C . 10.37 -5.10 11.93
C1' SAM C . 9.57 -3.04 10.92
N9 SAM C . 9.21 -3.28 9.52
C8 SAM C . 10.06 -3.46 8.46
N7 SAM C . 9.45 -3.62 7.31
C5 SAM C . 8.10 -3.55 7.64
C6 SAM C . 6.92 -3.60 6.86
N6 SAM C . 6.90 -3.86 5.55
N1 SAM C . 5.74 -3.41 7.49
C2 SAM C . 5.74 -3.18 8.81
N3 SAM C . 6.78 -3.13 9.65
C4 SAM C . 7.94 -3.32 9.00
N 5LP D . 13.57 -10.82 16.38
C2 5LP D . 17.41 -9.23 15.78
N2 5LP D . 9.07 -12.16 16.35
C3 5LP D . 16.62 -8.75 16.81
C5 5LP D . 14.54 -8.75 18.20
C4 5LP D . 15.34 -9.27 17.03
C 5LP D . 17.82 -10.77 13.81
O 5LP D . 13.37 -9.05 18.35
CL 5LP D . 8.57 -17.18 15.45
C11 5LP D . 9.54 -15.77 15.72
C10 5LP D . 10.91 -15.88 15.76
C9 5LP D . 11.69 -14.76 16.01
C12 5LP D . 8.91 -14.54 15.92
C13 5LP D . 9.69 -13.40 16.17
C8 5LP D . 11.09 -13.51 16.20
N1 5LP D . 11.86 -12.35 16.47
C7 5LP D . 13.10 -12.05 15.96
O2 5LP D . 13.74 -12.80 15.23
C6 5LP D . 14.85 -10.25 16.15
O1 5LP D . 15.17 -7.95 19.02
C14 5LP D . 15.66 -10.69 15.10
C1 5LP D . 16.95 -10.21 14.91
N SAM E . -19.49 -7.76 -11.54
CA SAM E . -20.52 -8.21 -12.51
C SAM E . -20.93 -9.64 -12.20
O SAM E . -20.17 -10.30 -11.44
OXT SAM E . -22.00 -10.08 -12.71
CB SAM E . -19.97 -8.11 -13.93
CG SAM E . -19.70 -6.66 -14.39
SD SAM E . -20.93 -6.25 -15.58
CE SAM E . -20.42 -7.04 -17.05
C5' SAM E . -20.60 -4.52 -15.99
C4' SAM E . -22.00 -3.89 -16.16
O4' SAM E . -21.98 -2.46 -16.00
C3' SAM E . -22.77 -4.19 -17.45
O3' SAM E . -23.89 -5.01 -17.14
C2' SAM E . -23.17 -2.81 -17.98
O2' SAM E . -24.51 -2.81 -18.47
C1' SAM E . -23.08 -1.95 -16.72
N9 SAM E . -22.86 -0.53 -16.95
C8 SAM E . -22.06 0.06 -17.90
N7 SAM E . -22.03 1.36 -17.84
C5 SAM E . -22.86 1.66 -16.77
C6 SAM E . -23.25 2.88 -16.18
N6 SAM E . -22.87 4.08 -16.63
N1 SAM E . -24.06 2.83 -15.10
C2 SAM E . -24.47 1.63 -14.66
N3 SAM E . -24.19 0.43 -15.15
C4 SAM E . -23.37 0.51 -16.22
#